data_3OQ3
#
_entry.id   3OQ3
#
_cell.length_a   48.840
_cell.length_b   75.900
_cell.length_c   182.730
_cell.angle_alpha   90.000
_cell.angle_beta   90.000
_cell.angle_gamma   90.000
#
_symmetry.space_group_name_H-M   'P 21 21 21'
#
loop_
_entity.id
_entity.type
_entity.pdbx_description
1 polymer 'Interferon alpha-5'
2 polymer 'IFN-alpha/beta binding protein C12R'
3 non-polymer 'ZINC ION'
4 non-polymer 'CHLORIDE ION'
5 non-polymer 1,2-ETHANEDIOL
6 non-polymer 'ACETATE ION'
7 non-polymer '4-(2-HYDROXYETHYL)-1-PIPERAZINE ETHANESULFONIC ACID'
8 water water
#
loop_
_entity_poly.entity_id
_entity_poly.type
_entity_poly.pdbx_seq_one_letter_code
_entity_poly.pdbx_strand_id
1 'polypeptide(L)'
;CDLPQTHNLRNKRALTLLVKMRRLSPLSCLKDRKDFGFPQEKVGAQQIQEAQAIPVLSELTQQVLNIFTSKDSSAAWNAT
LLDSFCNEVHQQLNDLKACVMQQVGVQESPLTQEDSLLAVRKYFHRITVYLREKKHSPCAWEVVRAEVWRALSSSVNLLA
RLSKEE
;
A
2 'polypeptide(L)'
;MIDIENEITEFFNKMRDTLPAKDSKWLNPSCMFGGTMNDMAALGEPFSAKCPPIEDSLLSHRYNDKDNVVNWEKIGKTRR
PLNRRVKNGDLWIANYTSNDSHRRYLCTVTTKNGDCVQGIVRSHIRKPPSCIPETYELGTHDKYGIDLYCGILYAKHYNN
ITWYKNNQELIIDGTKYSQSGQNLIIHNPELEDSGRYDCYVHYDDVRIKNDIVVSRCKILTVIPSQDHRFKLILDPKINV
TIGEPANITCTAVSTSLLVDDVLIDWENPSGWIIGLDFGVYSILTSSGGITEATLYFENVTEEYIGNTYTCRGHNYYFDK
TLTTTVVLE
;
B
#
loop_
_chem_comp.id
_chem_comp.type
_chem_comp.name
_chem_comp.formula
ACT non-polymer 'ACETATE ION' 'C2 H3 O2 -1'
CL non-polymer 'CHLORIDE ION' 'Cl -1'
EDO non-polymer 1,2-ETHANEDIOL 'C2 H6 O2'
EPE non-polymer '4-(2-HYDROXYETHYL)-1-PIPERAZINE ETHANESULFONIC ACID' 'C8 H18 N2 O4 S'
ZN non-polymer 'ZINC ION' 'Zn 2'
#
# COMPACT_ATOMS: atom_id res chain seq x y z
N CYS A 1 -17.99 3.34 -7.67
CA CYS A 1 -17.52 2.06 -8.17
C CYS A 1 -18.49 0.94 -7.81
N ASP A 2 -18.60 -0.06 -8.67
CA ASP A 2 -19.43 -1.23 -8.38
C ASP A 2 -18.57 -2.41 -7.97
N LEU A 3 -18.32 -2.52 -6.66
CA LEU A 3 -17.60 -3.67 -6.13
C LEU A 3 -18.60 -4.60 -5.46
N PRO A 4 -18.37 -5.92 -5.59
CA PRO A 4 -19.15 -6.93 -4.87
C PRO A 4 -19.20 -6.59 -3.37
N GLN A 5 -18.02 -6.43 -2.77
CA GLN A 5 -17.94 -6.12 -1.35
C GLN A 5 -16.77 -5.21 -1.06
N THR A 6 -17.02 -4.14 -0.31
CA THR A 6 -15.94 -3.32 0.23
C THR A 6 -15.51 -3.90 1.58
N HIS A 7 -14.24 -3.73 1.89
CA HIS A 7 -13.64 -4.36 3.06
C HIS A 7 -12.95 -3.32 3.92
N ASN A 8 -13.71 -2.39 4.48
CA ASN A 8 -13.14 -1.32 5.29
C ASN A 8 -12.22 -1.77 6.42
N LEU A 9 -12.52 -2.93 7.03
CA LEU A 9 -11.69 -3.41 8.14
C LEU A 9 -10.24 -3.70 7.76
N ARG A 10 -9.99 -3.95 6.47
CA ARG A 10 -8.60 -4.04 5.99
C ARG A 10 -7.83 -2.77 6.29
N ASN A 11 -8.49 -1.62 6.17
CA ASN A 11 -7.82 -0.37 6.45
C ASN A 11 -7.45 -0.27 7.93
N LYS A 12 -8.33 -0.74 8.81
CA LYS A 12 -8.05 -0.72 10.23
C LYS A 12 -6.92 -1.69 10.56
N ARG A 13 -6.95 -2.88 9.95
CA ARG A 13 -5.91 -3.86 10.19
C ARG A 13 -4.56 -3.34 9.73
N ALA A 14 -4.50 -2.81 8.51
CA ALA A 14 -3.26 -2.28 7.96
C ALA A 14 -2.65 -1.17 8.81
N LEU A 15 -3.46 -0.15 9.14
CA LEU A 15 -2.97 0.98 9.92
C LEU A 15 -2.48 0.58 11.31
N THR A 16 -3.17 -0.34 11.97
CA THR A 16 -2.73 -0.76 13.31
C THR A 16 -1.50 -1.69 13.25
N LEU A 17 -1.28 -2.39 12.13
CA LEU A 17 -0.06 -3.15 11.97
C LEU A 17 1.10 -2.20 11.75
N LEU A 18 0.86 -1.17 10.94
CA LEU A 18 1.84 -0.15 10.68
C LEU A 18 2.22 0.58 11.96
N VAL A 19 1.23 0.91 12.79
CA VAL A 19 1.52 1.53 14.07
C VAL A 19 2.38 0.59 14.92
N LYS A 20 2.03 -0.69 14.92
CA LYS A 20 2.71 -1.69 15.74
C LYS A 20 4.11 -1.97 15.25
N MET A 21 4.34 -1.73 13.96
CA MET A 21 5.62 -2.01 13.29
C MET A 21 6.74 -1.15 13.86
N ARG A 22 6.38 0.01 14.42
CA ARG A 22 7.40 0.93 14.94
C ARG A 22 8.37 0.24 15.89
N ARG A 23 9.67 0.49 15.69
CA ARG A 23 10.71 -0.13 16.48
C ARG A 23 11.50 0.87 17.35
N LEU A 24 11.59 2.12 16.91
CA LEU A 24 12.39 3.12 17.62
C LEU A 24 11.46 4.17 18.17
N SER A 25 11.94 4.96 19.13
CA SER A 25 11.22 6.17 19.50
C SER A 25 11.55 7.27 18.50
N PRO A 26 10.53 7.92 17.94
CA PRO A 26 10.87 9.02 17.04
C PRO A 26 11.64 10.13 17.78
N LEU A 27 11.55 10.16 19.11
CA LEU A 27 12.33 11.13 19.87
C LEU A 27 13.84 10.94 19.64
N SER A 28 14.25 9.75 19.19
CA SER A 28 15.65 9.46 18.87
C SER A 28 16.03 9.90 17.46
N CYS A 29 15.03 10.28 16.67
CA CYS A 29 15.22 10.59 15.25
C CYS A 29 14.77 12.00 14.84
N LEU A 30 14.60 12.90 15.80
CA LEU A 30 14.15 14.26 15.49
C LEU A 30 14.96 14.97 14.39
N LYS A 31 16.27 14.77 14.38
CA LYS A 31 17.10 15.45 13.39
C LYS A 31 16.92 14.87 11.99
N ASP A 32 16.27 13.72 11.90
CA ASP A 32 16.09 13.09 10.60
C ASP A 32 14.74 13.43 10.00
N ARG A 33 13.99 14.28 10.69
CA ARG A 33 12.66 14.64 10.20
C ARG A 33 12.78 15.35 8.87
N LYS A 34 11.70 15.32 8.10
CA LYS A 34 11.69 15.97 6.81
C LYS A 34 10.27 16.27 6.39
N ASP A 35 10.07 17.45 5.81
CA ASP A 35 8.78 17.81 5.24
C ASP A 35 8.72 17.28 3.82
N PHE A 36 7.90 16.25 3.61
CA PHE A 36 7.79 15.61 2.29
C PHE A 36 6.79 16.29 1.36
N GLY A 37 6.11 17.31 1.88
CA GLY A 37 5.10 18.01 1.10
C GLY A 37 3.92 17.11 0.79
N PHE A 38 3.34 16.53 1.82
CA PHE A 38 2.16 15.70 1.60
C PHE A 38 1.11 16.59 0.92
N PRO A 39 0.60 16.15 -0.25
CA PRO A 39 -0.34 16.96 -1.00
C PRO A 39 -1.77 16.87 -0.43
N GLN A 40 -1.98 17.50 0.71
CA GLN A 40 -3.30 17.62 1.31
C GLN A 40 -4.26 18.27 0.32
N GLU A 41 -3.81 19.35 -0.28
CA GLU A 41 -4.65 20.17 -1.16
C GLU A 41 -5.30 19.34 -2.28
N LYS A 42 -4.57 18.32 -2.75
CA LYS A 42 -5.03 17.49 -3.86
C LYS A 42 -5.54 16.10 -3.41
N VAL A 43 -5.96 16.01 -2.14
CA VAL A 43 -6.59 14.81 -1.61
C VAL A 43 -7.60 15.21 -0.51
N GLY A 44 -8.36 16.27 -0.77
CA GLY A 44 -9.36 16.76 0.16
C GLY A 44 -10.78 16.68 -0.39
N ALA A 45 -11.72 16.28 0.45
CA ALA A 45 -13.11 16.02 0.01
C ALA A 45 -13.94 17.28 -0.19
N GLN A 46 -13.39 18.43 0.17
CA GLN A 46 -14.09 19.71 -0.01
C GLN A 46 -14.27 19.99 -1.50
N GLN A 47 -13.65 19.16 -2.33
CA GLN A 47 -13.74 19.30 -3.78
C GLN A 47 -13.66 17.94 -4.48
N ILE A 48 -12.77 17.08 -3.99
CA ILE A 48 -12.55 15.78 -4.63
C ILE A 48 -13.70 14.81 -4.41
N GLN A 49 -14.22 14.28 -5.50
CA GLN A 49 -15.28 13.29 -5.45
C GLN A 49 -14.69 11.90 -5.57
N GLU A 50 -15.52 10.88 -5.37
CA GLU A 50 -15.04 9.50 -5.37
C GLU A 50 -14.51 9.07 -6.74
N ALA A 51 -15.00 9.71 -7.79
CA ALA A 51 -14.59 9.37 -9.14
C ALA A 51 -13.12 9.71 -9.36
N GLN A 52 -12.69 10.83 -8.78
CA GLN A 52 -11.29 11.24 -8.89
C GLN A 52 -10.46 10.55 -7.82
N ALA A 53 -11.08 10.27 -6.68
CA ALA A 53 -10.37 9.71 -5.54
C ALA A 53 -9.88 8.29 -5.79
N ILE A 54 -10.75 7.43 -6.31
CA ILE A 54 -10.37 6.04 -6.57
C ILE A 54 -8.96 5.88 -7.18
N PRO A 55 -8.76 6.41 -8.40
CA PRO A 55 -7.48 6.15 -9.07
C PRO A 55 -6.30 6.81 -8.35
N VAL A 56 -6.56 7.91 -7.64
CA VAL A 56 -5.51 8.54 -6.85
C VAL A 56 -5.13 7.68 -5.65
N LEU A 57 -6.13 7.01 -5.07
CA LEU A 57 -5.90 6.18 -3.91
C LEU A 57 -5.30 4.83 -4.31
N SER A 58 -5.59 4.41 -5.53
CA SER A 58 -4.99 3.22 -6.07
C SER A 58 -3.49 3.44 -6.20
N GLU A 59 -3.13 4.66 -6.61
CA GLU A 59 -1.75 5.05 -6.82
C GLU A 59 -0.99 5.14 -5.49
N LEU A 60 -1.63 5.77 -4.50
CA LEU A 60 -1.05 5.87 -3.18
C LEU A 60 -0.86 4.49 -2.54
N THR A 61 -1.85 3.61 -2.71
CA THR A 61 -1.78 2.25 -2.20
C THR A 61 -0.67 1.44 -2.87
N GLN A 62 -0.47 1.67 -4.16
CA GLN A 62 0.59 0.99 -4.91
C GLN A 62 1.97 1.49 -4.43
N GLN A 63 2.08 2.79 -4.20
CA GLN A 63 3.35 3.36 -3.79
C GLN A 63 3.73 2.88 -2.39
N VAL A 64 2.72 2.76 -1.54
CA VAL A 64 2.90 2.28 -0.18
C VAL A 64 3.37 0.82 -0.23
N LEU A 65 2.70 0.03 -1.06
CA LEU A 65 3.06 -1.36 -1.23
C LEU A 65 4.49 -1.46 -1.78
N ASN A 66 4.85 -0.61 -2.73
CA ASN A 66 6.20 -0.65 -3.30
C ASN A 66 7.30 -0.44 -2.26
N ILE A 67 7.05 0.44 -1.30
CA ILE A 67 8.02 0.73 -0.25
C ILE A 67 8.19 -0.43 0.71
N PHE A 68 7.08 -1.04 1.13
CA PHE A 68 7.13 -2.11 2.13
C PHE A 68 7.35 -3.53 1.57
N THR A 69 7.45 -3.66 0.25
CA THR A 69 7.81 -4.96 -0.34
C THR A 69 9.23 -4.91 -0.90
N SER A 70 9.89 -3.77 -0.70
CA SER A 70 11.22 -3.56 -1.24
C SER A 70 12.28 -4.45 -0.58
N LYS A 71 13.39 -4.62 -1.29
CA LYS A 71 14.58 -5.31 -0.78
C LYS A 71 14.92 -4.90 0.66
N ASP A 72 14.99 -3.60 0.90
CA ASP A 72 15.41 -3.06 2.20
C ASP A 72 14.34 -3.18 3.30
N SER A 73 13.08 -3.33 2.92
CA SER A 73 11.99 -3.37 3.90
C SER A 73 12.02 -4.58 4.80
N SER A 74 12.31 -5.76 4.25
CA SER A 74 12.25 -6.97 5.06
C SER A 74 13.33 -7.02 6.15
N ALA A 75 14.45 -6.34 5.91
CA ALA A 75 15.47 -6.18 6.93
C ALA A 75 15.08 -5.13 7.98
N ALA A 76 14.27 -4.16 7.57
CA ALA A 76 13.96 -3.04 8.46
C ALA A 76 12.89 -3.37 9.50
N TRP A 77 11.94 -4.25 9.14
CA TRP A 77 10.75 -4.44 9.95
C TRP A 77 10.50 -5.90 10.34
N ASN A 78 9.72 -6.10 11.41
CA ASN A 78 9.34 -7.45 11.83
C ASN A 78 8.54 -8.19 10.74
N ALA A 79 9.03 -9.34 10.31
CA ALA A 79 8.47 -10.06 9.17
C ALA A 79 7.01 -10.43 9.36
N THR A 80 6.64 -10.83 10.56
CA THR A 80 5.27 -11.23 10.80
C THR A 80 4.31 -10.06 10.55
N LEU A 81 4.59 -8.92 11.17
CA LEU A 81 3.76 -7.73 10.99
C LEU A 81 3.81 -7.26 9.54
N LEU A 82 5.00 -7.26 8.98
CA LEU A 82 5.19 -6.81 7.62
C LEU A 82 4.41 -7.65 6.60
N ASP A 83 4.47 -8.97 6.74
CA ASP A 83 3.74 -9.87 5.85
C ASP A 83 2.23 -9.66 5.96
N SER A 84 1.75 -9.49 7.19
CA SER A 84 0.33 -9.20 7.39
C SER A 84 -0.08 -7.85 6.81
N PHE A 85 0.75 -6.84 7.03
CA PHE A 85 0.50 -5.50 6.48
C PHE A 85 0.40 -5.54 4.97
N CYS A 86 1.36 -6.20 4.30
CA CYS A 86 1.34 -6.25 2.84
C CYS A 86 0.15 -7.06 2.32
N ASN A 87 -0.23 -8.10 3.04
CA ASN A 87 -1.42 -8.90 2.70
C ASN A 87 -2.68 -8.04 2.66
N GLU A 88 -2.93 -7.26 3.73
CA GLU A 88 -4.07 -6.33 3.76
C GLU A 88 -3.97 -5.30 2.64
N VAL A 89 -2.81 -4.70 2.49
CA VAL A 89 -2.68 -3.63 1.51
C VAL A 89 -2.84 -4.16 0.09
N HIS A 90 -2.25 -5.31 -0.20
CA HIS A 90 -2.35 -5.85 -1.55
C HIS A 90 -3.81 -6.10 -1.95
N GLN A 91 -4.60 -6.58 -1.00
CA GLN A 91 -6.00 -6.86 -1.31
C GLN A 91 -6.79 -5.58 -1.57
N GLN A 92 -6.51 -4.53 -0.80
CA GLN A 92 -7.17 -3.26 -1.06
C GLN A 92 -6.79 -2.75 -2.45
N LEU A 93 -5.51 -2.89 -2.82
CA LEU A 93 -5.04 -2.49 -4.14
C LEU A 93 -5.72 -3.28 -5.26
N ASN A 94 -5.83 -4.60 -5.10
CA ASN A 94 -6.62 -5.39 -6.04
C ASN A 94 -7.99 -4.73 -6.26
N ASP A 95 -8.69 -4.47 -5.16
CA ASP A 95 -10.02 -3.89 -5.24
C ASP A 95 -10.04 -2.51 -5.92
N LEU A 96 -9.08 -1.65 -5.57
CA LEU A 96 -9.01 -0.31 -6.16
C LEU A 96 -8.72 -0.36 -7.65
N LYS A 97 -7.84 -1.26 -8.05
CA LYS A 97 -7.49 -1.41 -9.47
C LYS A 97 -8.71 -1.85 -10.28
N ALA A 98 -9.48 -2.77 -9.73
CA ALA A 98 -10.72 -3.22 -10.37
C ALA A 98 -11.66 -2.05 -10.68
N CYS A 99 -11.79 -1.13 -9.73
CA CYS A 99 -12.58 0.07 -9.93
C CYS A 99 -11.99 0.94 -11.04
N VAL A 100 -10.67 1.12 -11.02
CA VAL A 100 -10.00 1.89 -12.06
C VAL A 100 -10.30 1.31 -13.44
N MET A 101 -10.32 -0.03 -13.53
CA MET A 101 -10.70 -0.71 -14.77
C MET A 101 -12.08 -0.26 -15.25
N GLN A 102 -13.07 -0.31 -14.36
CA GLN A 102 -14.45 0.01 -14.69
C GLN A 102 -14.65 1.38 -15.34
N GLN A 103 -13.70 2.29 -15.14
CA GLN A 103 -13.86 3.65 -15.65
C GLN A 103 -12.74 4.04 -16.64
N VAL A 104 -12.56 3.22 -17.66
CA VAL A 104 -11.50 3.43 -18.65
C VAL A 104 -11.65 4.71 -19.47
N GLY A 105 -12.57 4.70 -20.44
CA GLY A 105 -12.76 5.83 -21.32
C GLY A 105 -13.76 6.83 -20.77
N VAL A 106 -14.39 6.46 -19.65
CA VAL A 106 -15.37 7.33 -19.00
C VAL A 106 -14.78 8.06 -17.80
N GLN A 107 -13.52 8.47 -17.92
CA GLN A 107 -12.88 9.22 -16.85
C GLN A 107 -13.58 10.56 -16.63
N GLU A 108 -13.98 10.78 -15.38
CA GLU A 108 -14.56 12.05 -14.97
C GLU A 108 -13.41 12.96 -14.54
N SER A 109 -13.43 14.20 -15.01
CA SER A 109 -12.37 15.16 -14.68
C SER A 109 -10.97 14.56 -14.80
N PRO A 110 -10.61 14.08 -16.00
CA PRO A 110 -9.27 13.49 -16.23
C PRO A 110 -8.15 14.43 -15.81
N LEU A 111 -8.39 15.73 -15.90
CA LEU A 111 -7.39 16.73 -15.52
C LEU A 111 -7.01 16.62 -14.05
N THR A 112 -7.99 16.82 -13.18
CA THR A 112 -7.76 16.78 -11.74
C THR A 112 -7.27 15.41 -11.26
N GLN A 113 -7.65 14.35 -11.97
CA GLN A 113 -7.12 13.03 -11.69
C GLN A 113 -5.62 12.98 -11.92
N GLU A 114 -5.21 13.35 -13.12
CA GLU A 114 -3.80 13.26 -13.51
C GLU A 114 -2.93 14.20 -12.68
N ASP A 115 -3.42 15.41 -12.45
CA ASP A 115 -2.72 16.37 -11.63
C ASP A 115 -2.53 15.83 -10.21
N SER A 116 -3.55 15.14 -9.71
CA SER A 116 -3.48 14.51 -8.39
C SER A 116 -2.54 13.32 -8.41
N LEU A 117 -2.67 12.47 -9.42
CA LEU A 117 -1.82 11.31 -9.56
C LEU A 117 -0.35 11.69 -9.59
N LEU A 118 -0.03 12.77 -10.29
CA LEU A 118 1.35 13.24 -10.38
C LEU A 118 1.87 13.78 -9.04
N ALA A 119 1.06 14.59 -8.36
CA ALA A 119 1.44 15.12 -7.06
C ALA A 119 1.71 13.98 -6.06
N VAL A 120 0.90 12.93 -6.13
CA VAL A 120 1.11 11.77 -5.29
C VAL A 120 2.42 11.06 -5.63
N ARG A 121 2.66 10.82 -6.91
CA ARG A 121 3.89 10.16 -7.37
C ARG A 121 5.13 10.96 -6.99
N LYS A 122 5.09 12.28 -7.15
CA LYS A 122 6.22 13.11 -6.76
C LYS A 122 6.51 12.98 -5.26
N TYR A 123 5.43 13.01 -4.47
CA TYR A 123 5.52 12.88 -3.01
C TYR A 123 6.26 11.61 -2.59
N PHE A 124 5.83 10.47 -3.13
CA PHE A 124 6.49 9.19 -2.85
C PHE A 124 7.89 9.10 -3.43
N HIS A 125 8.12 9.77 -4.56
CA HIS A 125 9.46 9.81 -5.10
C HIS A 125 10.38 10.54 -4.12
N ARG A 126 9.90 11.62 -3.53
CA ARG A 126 10.70 12.36 -2.55
C ARG A 126 10.98 11.51 -1.32
N ILE A 127 10.01 10.69 -0.96
CA ILE A 127 10.17 9.77 0.15
C ILE A 127 11.28 8.75 -0.16
N THR A 128 11.25 8.18 -1.36
CA THR A 128 12.21 7.12 -1.67
C THR A 128 13.62 7.70 -1.84
N VAL A 129 13.72 8.86 -2.46
CA VAL A 129 14.99 9.58 -2.52
C VAL A 129 15.55 9.85 -1.13
N TYR A 130 14.71 10.36 -0.24
CA TYR A 130 15.11 10.63 1.13
C TYR A 130 15.74 9.39 1.75
N LEU A 131 15.06 8.26 1.60
CA LEU A 131 15.45 7.01 2.25
C LEU A 131 16.77 6.48 1.69
N ARG A 132 16.99 6.69 0.40
CA ARG A 132 18.25 6.28 -0.22
C ARG A 132 19.41 7.16 0.22
N GLU A 133 19.22 8.48 0.24
CA GLU A 133 20.25 9.37 0.73
C GLU A 133 20.62 9.06 2.18
N LYS A 134 19.65 8.53 2.95
CA LYS A 134 19.87 8.19 4.34
C LYS A 134 20.48 6.81 4.53
N LYS A 135 20.72 6.11 3.42
CA LYS A 135 21.28 4.78 3.46
C LYS A 135 20.39 3.82 4.25
N HIS A 136 19.09 4.08 4.22
CA HIS A 136 18.13 3.20 4.88
C HIS A 136 18.42 3.04 6.37
N SER A 137 18.88 4.10 7.01
CA SER A 137 19.17 4.03 8.46
C SER A 137 17.87 3.80 9.23
N PRO A 138 17.99 3.29 10.46
CA PRO A 138 16.79 2.98 11.26
C PRO A 138 15.93 4.21 11.50
N CYS A 139 16.55 5.38 11.70
CA CYS A 139 15.79 6.58 11.91
C CYS A 139 15.08 7.05 10.64
N ALA A 140 15.73 6.86 9.49
CA ALA A 140 15.12 7.26 8.23
C ALA A 140 13.90 6.36 7.95
N TRP A 141 14.03 5.08 8.29
CA TRP A 141 12.92 4.15 8.10
C TRP A 141 11.76 4.52 9.03
N GLU A 142 12.07 4.99 10.24
CA GLU A 142 10.98 5.40 11.15
C GLU A 142 10.28 6.62 10.58
N VAL A 143 11.04 7.59 10.10
CA VAL A 143 10.49 8.80 9.50
C VAL A 143 9.58 8.47 8.31
N VAL A 144 10.01 7.47 7.52
CA VAL A 144 9.19 7.00 6.41
C VAL A 144 7.92 6.27 6.85
N ARG A 145 8.05 5.35 7.79
CA ARG A 145 6.91 4.63 8.34
C ARG A 145 5.89 5.63 8.90
N ALA A 146 6.37 6.61 9.66
CA ALA A 146 5.48 7.62 10.26
C ALA A 146 4.77 8.42 9.18
N GLU A 147 5.50 8.83 8.15
CA GLU A 147 4.91 9.56 7.05
C GLU A 147 3.87 8.73 6.30
N VAL A 148 4.18 7.47 6.03
CA VAL A 148 3.23 6.60 5.38
C VAL A 148 1.99 6.41 6.25
N TRP A 149 2.18 6.25 7.57
CA TRP A 149 1.07 6.19 8.50
C TRP A 149 0.17 7.43 8.31
N ARG A 150 0.78 8.60 8.13
CA ARG A 150 0.03 9.85 8.03
C ARG A 150 -0.69 9.94 6.69
N ALA A 151 -0.03 9.49 5.61
CA ALA A 151 -0.67 9.46 4.29
C ALA A 151 -1.85 8.49 4.25
N LEU A 152 -1.71 7.32 4.86
CA LEU A 152 -2.81 6.34 4.88
C LEU A 152 -3.97 6.82 5.75
N SER A 153 -3.63 7.38 6.89
CA SER A 153 -4.63 7.89 7.81
C SER A 153 -5.45 8.99 7.15
N SER A 154 -4.79 9.83 6.36
CA SER A 154 -5.51 10.90 5.66
C SER A 154 -6.44 10.32 4.60
N SER A 155 -5.99 9.27 3.92
CA SER A 155 -6.81 8.61 2.89
C SER A 155 -8.04 7.95 3.50
N VAL A 156 -7.84 7.25 4.61
CA VAL A 156 -8.92 6.57 5.32
C VAL A 156 -9.93 7.59 5.85
N ASN A 157 -9.45 8.69 6.42
CA ASN A 157 -10.33 9.73 6.89
C ASN A 157 -11.11 10.37 5.72
N LEU A 158 -10.43 10.54 4.58
CA LEU A 158 -11.09 11.06 3.37
C LEU A 158 -12.21 10.13 2.90
N LEU A 159 -11.90 8.84 2.80
CA LEU A 159 -12.90 7.85 2.40
C LEU A 159 -14.08 7.84 3.37
N ALA A 160 -13.80 8.04 4.65
CA ALA A 160 -14.84 8.04 5.66
C ALA A 160 -15.73 9.26 5.46
N ARG A 161 -15.08 10.39 5.22
CA ARG A 161 -15.76 11.66 4.98
C ARG A 161 -16.65 11.59 3.75
N LEU A 162 -16.11 11.03 2.67
CA LEU A 162 -16.85 10.91 1.42
C LEU A 162 -18.05 9.97 1.53
N SER A 163 -17.94 8.96 2.38
CA SER A 163 -19.06 8.04 2.57
C SER A 163 -20.13 8.69 3.44
N LYS A 164 -19.76 9.71 4.19
CA LYS A 164 -20.74 10.46 4.99
C LYS A 164 -21.49 11.46 4.12
N GLU A 165 -20.78 12.07 3.18
CA GLU A 165 -21.35 13.07 2.30
C GLU A 165 -22.04 12.39 1.13
N GLU A 166 -23.31 12.03 1.32
CA GLU A 166 -24.05 11.34 0.27
C GLU A 166 -25.55 11.46 0.48
N MET B 1 -4.87 20.76 -19.19
CA MET B 1 -4.62 19.35 -19.52
C MET B 1 -3.31 19.17 -20.29
N ILE B 2 -2.94 20.17 -21.07
CA ILE B 2 -1.67 20.10 -21.80
C ILE B 2 -0.51 20.39 -20.85
N ASP B 3 -0.77 21.25 -19.88
CA ASP B 3 0.23 21.54 -18.85
C ASP B 3 0.53 20.28 -18.06
N ILE B 4 -0.54 19.55 -17.73
CA ILE B 4 -0.40 18.36 -16.92
C ILE B 4 0.37 17.27 -17.66
N GLU B 5 0.00 17.03 -18.92
CA GLU B 5 0.66 16.01 -19.71
C GLU B 5 2.14 16.34 -19.91
N ASN B 6 2.44 17.63 -19.95
CA ASN B 6 3.82 18.09 -20.07
C ASN B 6 4.61 17.81 -18.80
N GLU B 7 3.99 18.09 -17.65
CA GLU B 7 4.60 17.83 -16.36
C GLU B 7 4.88 16.34 -16.18
N ILE B 8 3.97 15.51 -16.68
CA ILE B 8 4.15 14.07 -16.61
C ILE B 8 5.36 13.61 -17.43
N THR B 9 5.45 14.10 -18.67
CA THR B 9 6.59 13.81 -19.52
C THR B 9 7.90 14.27 -18.88
N GLU B 10 7.88 15.48 -18.33
CA GLU B 10 9.05 16.03 -17.65
C GLU B 10 9.43 15.15 -16.46
N PHE B 11 8.41 14.66 -15.75
CA PHE B 11 8.67 13.84 -14.59
C PHE B 11 9.48 12.59 -14.95
N PHE B 12 9.09 11.92 -16.04
CA PHE B 12 9.79 10.70 -16.43
C PHE B 12 11.14 10.99 -17.09
N ASN B 13 11.27 12.17 -17.67
CA ASN B 13 12.56 12.60 -18.22
C ASN B 13 13.58 12.85 -17.10
N LYS B 14 13.13 13.51 -16.04
CA LYS B 14 13.97 13.72 -14.87
C LYS B 14 14.39 12.39 -14.26
N MET B 15 13.44 11.46 -14.16
CA MET B 15 13.78 10.13 -13.64
C MET B 15 14.81 9.43 -14.54
N ARG B 16 14.71 9.63 -15.86
CA ARG B 16 15.69 9.05 -16.77
C ARG B 16 17.05 9.67 -16.52
N ASP B 17 17.08 10.98 -16.33
CA ASP B 17 18.31 11.73 -16.13
C ASP B 17 18.99 11.43 -14.79
N THR B 18 18.26 10.80 -13.88
CA THR B 18 18.80 10.48 -12.57
C THR B 18 19.12 9.01 -12.42
N LEU B 19 18.97 8.26 -13.51
CA LEU B 19 19.35 6.86 -13.50
C LEU B 19 20.86 6.77 -13.36
N PRO B 20 21.36 5.63 -12.86
CA PRO B 20 22.80 5.40 -12.92
C PRO B 20 23.21 5.25 -14.38
N ALA B 21 24.46 5.57 -14.70
CA ALA B 21 24.97 5.38 -16.05
C ALA B 21 24.85 3.91 -16.46
N LYS B 22 24.99 3.01 -15.49
CA LYS B 22 24.89 1.58 -15.76
C LYS B 22 23.50 1.17 -16.22
N ASP B 23 22.53 2.05 -16.02
CA ASP B 23 21.17 1.79 -16.49
C ASP B 23 20.85 2.55 -17.77
N SER B 24 21.16 3.83 -17.79
CA SER B 24 20.77 4.71 -18.87
C SER B 24 21.48 4.38 -20.18
N LYS B 25 22.63 3.72 -20.08
CA LYS B 25 23.45 3.40 -21.25
C LYS B 25 22.76 2.39 -22.16
N TRP B 26 21.77 1.69 -21.64
CA TRP B 26 21.10 0.67 -22.42
C TRP B 26 19.87 1.21 -23.12
N LEU B 27 19.47 2.43 -22.73
CA LEU B 27 18.23 3.01 -23.23
C LEU B 27 18.35 3.53 -24.65
N ASN B 28 17.34 3.27 -25.45
CA ASN B 28 17.26 3.85 -26.78
C ASN B 28 16.70 5.26 -26.72
N PRO B 29 17.52 6.26 -27.10
CA PRO B 29 17.14 7.67 -27.07
C PRO B 29 15.93 8.00 -27.95
N SER B 30 15.58 7.11 -28.85
CA SER B 30 14.36 7.32 -29.63
C SER B 30 13.13 6.86 -28.84
N CYS B 31 13.35 6.20 -27.71
CA CYS B 31 12.25 5.73 -26.87
C CYS B 31 12.01 6.64 -25.67
N MET B 32 10.76 6.72 -25.24
CA MET B 32 10.43 7.39 -23.98
C MET B 32 10.88 6.48 -22.85
N PHE B 33 11.27 7.06 -21.72
CA PHE B 33 11.58 6.26 -20.55
C PHE B 33 10.34 6.11 -19.70
N GLY B 34 10.03 4.88 -19.29
CA GLY B 34 8.77 4.61 -18.63
C GLY B 34 8.91 4.09 -17.21
N GLY B 35 10.10 4.24 -16.63
CA GLY B 35 10.30 3.93 -15.23
C GLY B 35 11.03 2.63 -14.95
N THR B 36 11.34 2.42 -13.67
CA THR B 36 11.97 1.21 -13.19
C THR B 36 11.12 0.53 -12.11
N MET B 37 11.36 -0.75 -11.88
CA MET B 37 10.62 -1.50 -10.87
C MET B 37 11.48 -2.63 -10.32
N ASN B 38 11.38 -2.90 -9.03
CA ASN B 38 12.11 -3.98 -8.40
C ASN B 38 11.10 -4.91 -7.71
N ASP B 39 10.85 -6.05 -8.33
CA ASP B 39 9.75 -6.92 -7.94
C ASP B 39 10.18 -8.03 -6.98
N MET B 40 9.24 -8.46 -6.14
CA MET B 40 9.52 -9.56 -5.22
C MET B 40 9.60 -10.89 -5.95
N ALA B 41 10.36 -11.80 -5.38
CA ALA B 41 10.52 -13.11 -5.98
C ALA B 41 10.87 -14.09 -4.88
N ALA B 42 10.54 -15.36 -5.08
CA ALA B 42 10.92 -16.39 -4.11
C ALA B 42 11.73 -17.49 -4.79
N LEU B 43 12.78 -17.96 -4.11
CA LEU B 43 13.61 -19.05 -4.61
C LEU B 43 12.78 -20.32 -4.74
N GLY B 44 12.84 -20.98 -5.89
CA GLY B 44 12.15 -22.25 -6.07
C GLY B 44 10.70 -22.06 -6.45
N GLU B 45 10.32 -20.81 -6.72
CA GLU B 45 8.96 -20.50 -7.18
C GLU B 45 9.04 -19.79 -8.53
N PRO B 46 7.98 -19.87 -9.33
CA PRO B 46 7.99 -19.07 -10.56
C PRO B 46 7.92 -17.58 -10.27
N PHE B 47 8.38 -16.78 -11.24
CA PHE B 47 8.35 -15.32 -11.14
C PHE B 47 7.87 -14.76 -12.46
N SER B 48 7.09 -13.68 -12.41
CA SER B 48 6.76 -12.94 -13.62
C SER B 48 6.72 -11.43 -13.33
N ALA B 49 6.92 -10.63 -14.38
CA ALA B 49 6.90 -9.18 -14.23
C ALA B 49 6.37 -8.51 -15.49
N LYS B 50 5.62 -7.44 -15.30
CA LYS B 50 5.15 -6.63 -16.41
C LYS B 50 6.18 -5.55 -16.71
N CYS B 51 6.15 -5.03 -17.92
CA CYS B 51 6.93 -3.85 -18.26
C CYS B 51 6.30 -2.60 -17.61
N PRO B 52 7.07 -1.90 -16.76
CA PRO B 52 6.58 -0.77 -15.96
C PRO B 52 5.68 0.27 -16.65
N PRO B 53 6.06 0.77 -17.83
CA PRO B 53 5.17 1.78 -18.44
C PRO B 53 3.75 1.26 -18.68
N ILE B 54 3.62 -0.01 -19.03
CA ILE B 54 2.29 -0.59 -19.24
C ILE B 54 1.47 -0.53 -17.94
N GLU B 55 2.12 -0.82 -16.82
CA GLU B 55 1.45 -0.86 -15.53
C GLU B 55 1.34 0.52 -14.85
N ASP B 56 2.10 1.51 -15.36
CA ASP B 56 2.15 2.82 -14.70
C ASP B 56 0.87 3.65 -14.85
N SER B 57 0.39 4.18 -13.74
CA SER B 57 -0.90 4.88 -13.73
C SER B 57 -0.83 6.23 -14.45
N LEU B 58 0.37 6.74 -14.64
CA LEU B 58 0.56 8.02 -15.30
C LEU B 58 0.68 7.85 -16.82
N LEU B 59 1.10 6.68 -17.26
CA LEU B 59 1.46 6.45 -18.67
C LEU B 59 0.61 5.39 -19.35
N SER B 60 -0.21 4.69 -18.57
CA SER B 60 -1.03 3.60 -19.12
C SER B 60 -1.85 4.08 -20.31
N HIS B 61 -2.49 5.24 -20.16
CA HIS B 61 -3.37 5.76 -21.21
C HIS B 61 -2.60 6.19 -22.45
N ARG B 62 -1.27 6.20 -22.37
CA ARG B 62 -0.43 6.55 -23.51
C ARG B 62 -0.05 5.34 -24.34
N TYR B 63 0.11 4.20 -23.70
CA TYR B 63 0.53 3.00 -24.42
C TYR B 63 -0.52 1.89 -24.26
N ASN B 64 -1.77 2.28 -24.47
CA ASN B 64 -2.90 1.39 -24.36
C ASN B 64 -3.48 1.00 -25.72
N ASP B 65 -2.74 0.19 -26.46
CA ASP B 65 -3.24 -0.35 -27.71
C ASP B 65 -3.05 -1.85 -27.77
N LYS B 66 -4.05 -2.55 -28.31
CA LYS B 66 -4.04 -4.01 -28.35
C LYS B 66 -2.93 -4.54 -29.25
N ASP B 67 -2.40 -3.68 -30.11
CA ASP B 67 -1.44 -4.09 -31.12
C ASP B 67 0.00 -3.72 -30.77
N ASN B 68 0.32 -3.72 -29.47
CA ASN B 68 1.68 -3.41 -29.04
C ASN B 68 2.55 -4.64 -28.94
N VAL B 69 3.81 -4.49 -29.31
CA VAL B 69 4.81 -5.55 -29.15
C VAL B 69 5.69 -5.19 -27.96
N VAL B 70 5.99 -6.20 -27.13
CA VAL B 70 6.85 -6.00 -25.98
C VAL B 70 8.04 -6.93 -26.07
N ASN B 71 9.24 -6.36 -26.11
CA ASN B 71 10.47 -7.14 -26.13
C ASN B 71 11.13 -7.10 -24.78
N TRP B 72 11.71 -8.23 -24.37
CA TRP B 72 12.47 -8.30 -23.13
C TRP B 72 13.94 -8.62 -23.42
N GLU B 73 14.84 -7.84 -22.82
CA GLU B 73 16.27 -8.12 -22.95
C GLU B 73 16.96 -8.15 -21.59
N LYS B 74 17.83 -9.14 -21.40
CA LYS B 74 18.72 -9.12 -20.25
C LYS B 74 19.83 -8.10 -20.51
N ILE B 75 20.13 -7.27 -19.52
CA ILE B 75 21.24 -6.33 -19.64
C ILE B 75 22.24 -6.60 -18.52
N GLY B 76 22.97 -5.57 -18.11
CA GLY B 76 23.94 -5.70 -17.04
C GLY B 76 25.35 -5.98 -17.56
N LYS B 77 25.69 -7.27 -17.68
CA LYS B 77 26.99 -7.68 -18.19
C LYS B 77 27.03 -7.59 -19.72
N THR B 78 26.34 -8.52 -20.37
CA THR B 78 26.13 -8.45 -21.81
C THR B 78 24.72 -7.93 -22.07
N ARG B 79 24.33 -7.88 -23.34
CA ARG B 79 22.95 -7.60 -23.71
C ARG B 79 22.42 -8.79 -24.53
N ARG B 80 21.49 -9.53 -23.93
CA ARG B 80 20.97 -10.76 -24.53
C ARG B 80 19.44 -10.73 -24.68
N PRO B 81 18.93 -11.26 -25.80
CA PRO B 81 17.49 -11.35 -26.01
C PRO B 81 16.86 -12.43 -25.14
N LEU B 82 15.54 -12.36 -24.94
CA LEU B 82 14.84 -13.39 -24.17
C LEU B 82 13.77 -14.10 -24.99
N ASN B 83 13.85 -15.43 -25.05
CA ASN B 83 12.85 -16.23 -25.73
C ASN B 83 12.03 -17.08 -24.74
N ARG B 84 12.67 -18.07 -24.15
CA ARG B 84 12.01 -18.95 -23.18
C ARG B 84 11.42 -18.17 -22.01
N ARG B 85 11.99 -17.00 -21.74
CA ARG B 85 11.64 -16.23 -20.55
C ARG B 85 10.56 -15.17 -20.80
N VAL B 86 9.60 -15.48 -21.66
CA VAL B 86 8.48 -14.59 -21.89
C VAL B 86 7.18 -15.39 -21.90
N LYS B 87 6.16 -14.82 -21.28
CA LYS B 87 4.84 -15.46 -21.25
C LYS B 87 3.78 -14.38 -21.23
N ASN B 88 3.01 -14.31 -22.30
CA ASN B 88 1.90 -13.37 -22.40
C ASN B 88 2.37 -11.92 -22.35
N GLY B 89 3.57 -11.68 -22.87
CA GLY B 89 4.13 -10.35 -22.94
C GLY B 89 4.86 -9.96 -21.67
N ASP B 90 4.86 -10.85 -20.69
CA ASP B 90 5.52 -10.60 -19.41
C ASP B 90 6.78 -11.42 -19.28
N LEU B 91 7.78 -10.86 -18.60
CA LEU B 91 8.95 -11.63 -18.22
C LEU B 91 8.49 -12.84 -17.43
N TRP B 92 9.11 -13.99 -17.68
CA TRP B 92 8.71 -15.25 -17.07
C TRP B 92 9.90 -16.10 -16.69
N ILE B 93 10.03 -16.41 -15.40
CA ILE B 93 11.04 -17.32 -14.91
C ILE B 93 10.37 -18.46 -14.15
N ALA B 94 10.42 -19.65 -14.73
CA ALA B 94 9.68 -20.79 -14.19
C ALA B 94 10.18 -21.23 -12.81
N ASN B 95 11.47 -21.02 -12.54
CA ASN B 95 12.06 -21.43 -11.27
C ASN B 95 13.16 -20.48 -10.85
N TYR B 96 12.79 -19.54 -9.99
CA TYR B 96 13.67 -18.43 -9.62
C TYR B 96 14.83 -18.93 -8.78
N THR B 97 16.03 -18.41 -9.07
CA THR B 97 17.24 -18.84 -8.40
C THR B 97 18.01 -17.66 -7.85
N SER B 98 18.99 -17.94 -7.00
CA SER B 98 19.83 -16.89 -6.45
C SER B 98 20.44 -16.04 -7.55
N ASN B 99 20.78 -16.69 -8.67
CA ASN B 99 21.40 -15.99 -9.78
C ASN B 99 20.48 -14.97 -10.43
N ASP B 100 19.17 -15.21 -10.34
CA ASP B 100 18.21 -14.30 -10.95
C ASP B 100 18.16 -12.98 -10.20
N SER B 101 18.38 -13.01 -8.89
CA SER B 101 18.30 -11.80 -8.09
C SER B 101 19.38 -10.79 -8.46
N HIS B 102 20.36 -11.22 -9.25
CA HIS B 102 21.44 -10.32 -9.68
C HIS B 102 21.24 -9.88 -11.12
N ARG B 103 20.27 -10.49 -11.79
CA ARG B 103 19.99 -10.17 -13.18
C ARG B 103 18.95 -9.06 -13.28
N ARG B 104 19.06 -8.23 -14.31
CA ARG B 104 18.02 -7.24 -14.56
C ARG B 104 17.71 -7.10 -16.04
N TYR B 105 16.56 -6.54 -16.35
CA TYR B 105 15.98 -6.62 -17.69
C TYR B 105 15.51 -5.29 -18.24
N LEU B 106 15.66 -5.14 -19.54
CA LEU B 106 15.15 -3.98 -20.26
C LEU B 106 13.95 -4.46 -21.07
N CYS B 107 12.79 -3.88 -20.81
CA CYS B 107 11.64 -4.20 -21.62
C CYS B 107 11.36 -3.03 -22.54
N THR B 108 10.94 -3.33 -23.76
CA THR B 108 10.66 -2.28 -24.72
C THR B 108 9.28 -2.46 -25.30
N VAL B 109 8.51 -1.38 -25.29
CA VAL B 109 7.17 -1.42 -25.84
C VAL B 109 7.15 -0.66 -27.17
N THR B 110 6.80 -1.37 -28.24
CA THR B 110 6.69 -0.77 -29.57
C THR B 110 5.24 -0.70 -30.01
N THR B 111 4.74 0.50 -30.27
CA THR B 111 3.36 0.68 -30.72
C THR B 111 3.27 0.60 -32.24
N LYS B 112 2.07 0.33 -32.75
CA LYS B 112 1.86 0.31 -34.20
C LYS B 112 2.25 1.64 -34.84
N ASN B 113 1.99 2.75 -34.16
CA ASN B 113 2.44 4.06 -34.65
C ASN B 113 3.96 4.17 -34.75
N GLY B 114 4.66 3.10 -34.40
CA GLY B 114 6.11 3.09 -34.46
C GLY B 114 6.81 3.87 -33.36
N ASP B 115 6.08 4.24 -32.32
CA ASP B 115 6.70 4.85 -31.14
C ASP B 115 7.12 3.78 -30.14
N CYS B 116 7.96 4.16 -29.18
CA CYS B 116 8.40 3.20 -28.17
C CYS B 116 8.63 3.81 -26.77
N VAL B 117 8.58 2.94 -25.78
CA VAL B 117 8.83 3.33 -24.39
C VAL B 117 9.52 2.17 -23.70
N GLN B 118 10.40 2.46 -22.75
CA GLN B 118 11.18 1.41 -22.13
C GLN B 118 11.09 1.46 -20.61
N GLY B 119 11.32 0.31 -19.99
CA GLY B 119 11.40 0.25 -18.54
C GLY B 119 12.49 -0.71 -18.13
N ILE B 120 12.94 -0.60 -16.88
CA ILE B 120 13.89 -1.54 -16.34
C ILE B 120 13.29 -2.27 -15.17
N VAL B 121 13.49 -3.59 -15.16
CA VAL B 121 12.95 -4.45 -14.11
C VAL B 121 14.05 -5.18 -13.38
N ARG B 122 14.07 -5.02 -12.06
CA ARG B 122 14.91 -5.81 -11.19
C ARG B 122 14.02 -6.73 -10.37
N SER B 123 14.64 -7.59 -9.59
CA SER B 123 13.91 -8.41 -8.64
C SER B 123 14.78 -8.66 -7.43
N HIS B 124 14.14 -8.94 -6.31
CA HIS B 124 14.84 -9.21 -5.07
C HIS B 124 14.16 -10.34 -4.38
N ILE B 125 14.92 -11.10 -3.62
CA ILE B 125 14.41 -12.29 -2.95
C ILE B 125 13.62 -11.86 -1.73
N ARG B 126 12.53 -12.58 -1.47
CA ARG B 126 11.70 -12.30 -0.32
C ARG B 126 11.05 -13.58 0.12
N LYS B 127 11.58 -14.20 1.16
CA LYS B 127 10.95 -15.39 1.74
C LYS B 127 9.42 -15.21 1.78
N PRO B 128 8.69 -16.08 1.09
CA PRO B 128 7.22 -16.02 1.18
C PRO B 128 6.79 -16.49 2.56
N PRO B 129 5.76 -15.84 3.13
CA PRO B 129 5.44 -16.20 4.51
C PRO B 129 4.91 -17.62 4.54
N SER B 130 4.87 -18.23 5.70
CA SER B 130 4.07 -19.42 5.87
C SER B 130 2.66 -18.90 6.09
N CYS B 131 1.91 -19.58 6.94
CA CYS B 131 0.53 -19.21 7.15
C CYS B 131 0.41 -17.78 7.66
N ILE B 132 -0.54 -17.04 7.11
CA ILE B 132 -0.89 -15.73 7.67
C ILE B 132 -2.23 -15.86 8.40
N PRO B 133 -2.30 -15.38 9.65
CA PRO B 133 -3.55 -15.43 10.41
C PRO B 133 -4.55 -14.40 9.87
N GLU B 134 -5.81 -14.80 9.77
CA GLU B 134 -6.89 -13.90 9.43
C GLU B 134 -8.09 -14.11 10.34
N THR B 135 -8.66 -13.01 10.79
CA THR B 135 -9.81 -13.07 11.68
C THR B 135 -11.02 -12.48 10.99
N TYR B 136 -12.09 -13.25 10.89
CA TYR B 136 -13.38 -12.71 10.44
C TYR B 136 -14.37 -12.68 11.60
N GLU B 137 -14.93 -11.50 11.85
CA GLU B 137 -15.90 -11.31 12.90
C GLU B 137 -17.27 -11.44 12.30
N LEU B 138 -18.05 -12.37 12.85
CA LEU B 138 -19.38 -12.60 12.32
C LEU B 138 -20.13 -11.29 12.42
N GLY B 139 -20.93 -10.98 11.41
CA GLY B 139 -21.67 -9.74 11.39
C GLY B 139 -20.95 -8.62 10.66
N THR B 140 -19.85 -8.94 9.98
CA THR B 140 -19.08 -7.95 9.23
C THR B 140 -19.73 -7.73 7.87
N HIS B 141 -19.81 -8.81 7.08
CA HIS B 141 -20.57 -8.84 5.85
C HIS B 141 -20.95 -10.27 5.52
N ASP B 142 -21.75 -10.86 6.41
CA ASP B 142 -22.10 -12.26 6.36
C ASP B 142 -22.83 -12.67 5.08
N LYS B 143 -23.69 -11.81 4.56
CA LYS B 143 -24.44 -12.15 3.36
C LYS B 143 -23.55 -12.28 2.13
N TYR B 144 -22.47 -11.51 2.10
CA TYR B 144 -21.48 -11.67 1.05
C TYR B 144 -20.62 -12.89 1.32
N GLY B 145 -20.27 -13.08 2.59
CA GLY B 145 -19.41 -14.17 2.99
C GLY B 145 -17.99 -13.74 3.34
N ILE B 146 -17.11 -14.73 3.51
CA ILE B 146 -15.72 -14.46 3.87
C ILE B 146 -14.84 -14.58 2.65
N ASP B 147 -14.04 -13.55 2.38
CA ASP B 147 -13.12 -13.56 1.26
C ASP B 147 -11.73 -13.95 1.74
N LEU B 148 -11.29 -15.16 1.39
CA LEU B 148 -9.92 -15.56 1.66
C LEU B 148 -9.08 -15.39 0.41
N TYR B 149 -7.99 -14.63 0.53
CA TYR B 149 -7.11 -14.34 -0.58
C TYR B 149 -5.97 -15.37 -0.69
N CYS B 150 -5.83 -16.02 -1.84
CA CYS B 150 -4.68 -16.92 -2.06
C CYS B 150 -3.41 -16.08 -2.13
N GLY B 151 -2.97 -15.62 -0.95
CA GLY B 151 -1.63 -15.05 -0.67
C GLY B 151 -0.97 -14.25 -1.76
N ILE B 152 0.11 -13.54 -1.43
CA ILE B 152 0.79 -12.80 -2.49
C ILE B 152 1.55 -13.73 -3.43
N LEU B 153 1.17 -13.69 -4.71
CA LEU B 153 1.86 -14.51 -5.71
C LEU B 153 2.91 -13.66 -6.42
N TYR B 154 4.03 -14.26 -6.78
CA TYR B 154 5.08 -13.53 -7.47
C TYR B 154 5.01 -13.72 -8.97
N ALA B 155 4.11 -14.60 -9.41
CA ALA B 155 3.95 -14.82 -10.84
C ALA B 155 2.47 -14.88 -11.21
N LYS B 156 2.12 -14.21 -12.29
CA LYS B 156 0.79 -14.32 -12.87
C LYS B 156 0.74 -15.46 -13.90
N HIS B 157 -0.35 -15.55 -14.65
CA HIS B 157 -0.49 -16.54 -15.72
C HIS B 157 -0.55 -17.97 -15.21
N TYR B 158 -1.19 -18.14 -14.07
CA TYR B 158 -1.48 -19.47 -13.54
C TYR B 158 -2.72 -19.99 -14.27
N ASN B 159 -2.90 -21.31 -14.31
CA ASN B 159 -4.05 -21.88 -15.01
C ASN B 159 -5.16 -22.37 -14.08
N ASN B 160 -4.78 -22.71 -12.86
CA ASN B 160 -5.68 -23.38 -11.94
C ASN B 160 -5.29 -23.09 -10.48
N ILE B 161 -6.29 -22.85 -9.65
CA ILE B 161 -6.08 -22.67 -8.22
C ILE B 161 -6.99 -23.60 -7.44
N THR B 162 -6.42 -24.36 -6.51
CA THR B 162 -7.16 -25.31 -5.71
C THR B 162 -7.05 -25.02 -4.23
N TRP B 163 -8.18 -25.07 -3.51
CA TRP B 163 -8.21 -24.82 -2.07
C TRP B 163 -8.45 -26.05 -1.22
N TYR B 164 -7.73 -26.11 -0.11
CA TYR B 164 -7.86 -27.15 0.88
C TYR B 164 -8.14 -26.53 2.25
N LYS B 165 -9.01 -27.16 3.03
CA LYS B 165 -9.19 -26.83 4.44
C LYS B 165 -8.72 -28.00 5.29
N ASN B 166 -7.84 -27.71 6.25
CA ASN B 166 -7.28 -28.74 7.10
C ASN B 166 -6.83 -29.93 6.28
N ASN B 167 -6.15 -29.62 5.17
CA ASN B 167 -5.59 -30.60 4.25
C ASN B 167 -6.64 -31.43 3.50
N GLN B 168 -7.88 -30.96 3.48
CA GLN B 168 -8.91 -31.64 2.68
C GLN B 168 -9.39 -30.74 1.54
N GLU B 169 -9.43 -31.29 0.33
CA GLU B 169 -9.83 -30.50 -0.83
C GLU B 169 -11.27 -30.02 -0.69
N LEU B 170 -11.47 -28.74 -0.99
CA LEU B 170 -12.80 -28.17 -0.91
C LEU B 170 -13.55 -28.38 -2.22
N ILE B 171 -14.83 -28.71 -2.11
CA ILE B 171 -15.69 -28.85 -3.28
C ILE B 171 -16.27 -27.48 -3.58
N ILE B 172 -15.91 -26.97 -4.74
CA ILE B 172 -16.33 -25.65 -5.15
C ILE B 172 -17.55 -25.72 -6.06
N ASP B 173 -18.75 -25.62 -5.49
CA ASP B 173 -19.95 -25.72 -6.30
C ASP B 173 -20.94 -24.60 -6.03
N GLY B 174 -20.45 -23.46 -5.55
CA GLY B 174 -21.27 -22.28 -5.39
C GLY B 174 -22.24 -22.30 -4.23
N THR B 175 -22.23 -23.37 -3.45
CA THR B 175 -23.11 -23.45 -2.27
C THR B 175 -22.42 -22.86 -1.04
N LYS B 176 -21.56 -23.66 -0.42
CA LYS B 176 -20.78 -23.20 0.72
C LYS B 176 -19.59 -22.38 0.21
N TYR B 177 -18.96 -22.87 -0.86
CA TYR B 177 -17.80 -22.21 -1.44
C TYR B 177 -17.95 -21.81 -2.90
N SER B 178 -17.31 -20.72 -3.27
CA SER B 178 -17.14 -20.40 -4.67
C SER B 178 -15.77 -19.75 -4.81
N GLN B 179 -15.33 -19.60 -6.05
CA GLN B 179 -14.00 -19.05 -6.32
C GLN B 179 -14.10 -17.88 -7.26
N SER B 180 -13.20 -16.93 -7.09
CA SER B 180 -13.09 -15.81 -8.00
C SER B 180 -11.62 -15.36 -8.08
N GLY B 181 -10.92 -15.84 -9.10
CA GLY B 181 -9.51 -15.53 -9.26
C GLY B 181 -8.67 -16.15 -8.16
N GLN B 182 -8.04 -15.31 -7.35
CA GLN B 182 -7.21 -15.79 -6.25
C GLN B 182 -7.98 -15.79 -4.93
N ASN B 183 -9.30 -15.60 -5.02
CA ASN B 183 -10.14 -15.55 -3.83
C ASN B 183 -10.99 -16.78 -3.64
N LEU B 184 -11.14 -17.20 -2.39
CA LEU B 184 -12.11 -18.22 -2.03
C LEU B 184 -13.18 -17.49 -1.23
N ILE B 185 -14.43 -17.61 -1.66
CA ILE B 185 -15.53 -17.00 -0.93
C ILE B 185 -16.24 -18.06 -0.10
N ILE B 186 -16.32 -17.83 1.21
CA ILE B 186 -16.96 -18.76 2.11
C ILE B 186 -18.34 -18.19 2.43
N HIS B 187 -19.38 -18.84 1.92
CA HIS B 187 -20.74 -18.35 2.11
C HIS B 187 -21.31 -18.85 3.44
N ASN B 188 -22.38 -18.21 3.89
CA ASN B 188 -23.02 -18.56 5.15
C ASN B 188 -22.01 -18.81 6.26
N PRO B 189 -21.15 -17.82 6.53
CA PRO B 189 -20.06 -18.03 7.50
C PRO B 189 -20.55 -18.42 8.89
N GLU B 190 -19.76 -19.23 9.58
CA GLU B 190 -20.12 -19.68 10.92
C GLU B 190 -18.83 -19.98 11.66
N LEU B 191 -18.92 -20.17 12.96
CA LEU B 191 -17.71 -20.43 13.76
C LEU B 191 -16.91 -21.64 13.24
N GLU B 192 -17.62 -22.64 12.72
CA GLU B 192 -16.96 -23.88 12.32
C GLU B 192 -16.15 -23.68 11.04
N ASP B 193 -16.22 -22.49 10.45
CA ASP B 193 -15.45 -22.23 9.26
C ASP B 193 -14.01 -21.87 9.61
N SER B 194 -13.74 -21.72 10.90
CA SER B 194 -12.36 -21.55 11.37
C SER B 194 -11.51 -22.72 10.88
N GLY B 195 -10.27 -22.42 10.52
CA GLY B 195 -9.34 -23.47 10.13
C GLY B 195 -8.13 -23.07 9.31
N ARG B 196 -7.40 -24.08 8.86
CA ARG B 196 -6.24 -23.90 8.00
C ARG B 196 -6.68 -24.06 6.56
N TYR B 197 -6.50 -23.01 5.76
CA TYR B 197 -6.82 -23.01 4.34
C TYR B 197 -5.53 -22.88 3.54
N ASP B 198 -5.22 -23.91 2.75
CA ASP B 198 -4.07 -23.88 1.85
C ASP B 198 -4.60 -23.74 0.43
N CYS B 199 -3.97 -22.88 -0.37
CA CYS B 199 -4.29 -22.82 -1.79
C CYS B 199 -3.07 -23.26 -2.59
N TYR B 200 -3.34 -24.00 -3.66
CA TYR B 200 -2.28 -24.48 -4.56
C TYR B 200 -2.50 -23.86 -5.93
N VAL B 201 -1.52 -23.08 -6.37
CA VAL B 201 -1.61 -22.35 -7.63
C VAL B 201 -0.77 -23.08 -8.69
N HIS B 202 -1.43 -23.46 -9.77
CA HIS B 202 -0.81 -24.31 -10.79
C HIS B 202 -0.38 -23.51 -12.02
N TYR B 203 0.87 -23.67 -12.42
CA TYR B 203 1.39 -23.02 -13.62
C TYR B 203 1.84 -24.06 -14.63
N ASP B 204 1.66 -23.75 -15.92
CA ASP B 204 2.06 -24.67 -16.98
C ASP B 204 3.15 -24.04 -17.83
N ASP B 205 4.27 -24.74 -17.98
CA ASP B 205 5.27 -24.33 -18.97
C ASP B 205 5.69 -25.50 -19.87
N VAL B 206 5.52 -25.33 -21.17
CA VAL B 206 5.79 -26.40 -22.14
C VAL B 206 7.16 -27.05 -21.95
N ARG B 207 8.15 -26.26 -21.52
CA ARG B 207 9.50 -26.75 -21.31
C ARG B 207 9.65 -27.59 -20.05
N ILE B 208 8.51 -27.93 -19.45
CA ILE B 208 8.47 -28.72 -18.23
C ILE B 208 7.23 -29.60 -18.25
N LYS B 209 7.38 -30.87 -17.88
CA LYS B 209 6.31 -31.85 -18.08
C LYS B 209 5.16 -31.74 -17.08
N ASN B 210 5.46 -31.96 -15.80
CA ASN B 210 4.44 -31.81 -14.77
C ASN B 210 4.15 -30.34 -14.44
N ASP B 211 3.33 -30.12 -13.43
CA ASP B 211 2.90 -28.76 -13.09
C ASP B 211 3.90 -28.07 -12.18
N ILE B 212 4.06 -26.76 -12.35
CA ILE B 212 4.73 -25.93 -11.38
C ILE B 212 3.66 -25.52 -10.37
N VAL B 213 3.92 -25.71 -9.08
CA VAL B 213 2.92 -25.43 -8.05
C VAL B 213 3.43 -24.47 -6.98
N VAL B 214 2.67 -23.40 -6.74
CA VAL B 214 2.94 -22.49 -5.64
C VAL B 214 1.86 -22.63 -4.58
N SER B 215 2.26 -22.59 -3.31
CA SER B 215 1.34 -22.80 -2.20
C SER B 215 1.27 -21.60 -1.22
N ARG B 216 0.06 -21.26 -0.79
CA ARG B 216 -0.10 -20.28 0.29
C ARG B 216 -1.08 -20.76 1.36
N CYS B 217 -0.97 -20.17 2.54
CA CYS B 217 -1.75 -20.62 3.69
C CYS B 217 -2.33 -19.45 4.43
N LYS B 218 -3.60 -19.54 4.81
CA LYS B 218 -4.19 -18.59 5.75
C LYS B 218 -4.80 -19.39 6.90
N ILE B 219 -4.55 -18.97 8.13
CA ILE B 219 -5.19 -19.57 9.27
C ILE B 219 -6.38 -18.70 9.65
N LEU B 220 -7.57 -19.17 9.31
CA LEU B 220 -8.77 -18.38 9.53
C LEU B 220 -9.41 -18.66 10.88
N THR B 221 -9.62 -17.60 11.65
CA THR B 221 -10.39 -17.71 12.88
C THR B 221 -11.66 -16.86 12.72
N VAL B 222 -12.82 -17.51 12.82
CA VAL B 222 -14.10 -16.82 12.80
C VAL B 222 -14.55 -16.58 14.24
N ILE B 223 -14.88 -15.34 14.59
CA ILE B 223 -15.26 -15.07 15.97
C ILE B 223 -16.66 -14.48 16.06
N PRO B 224 -17.27 -14.55 17.25
CA PRO B 224 -18.57 -13.93 17.48
C PRO B 224 -18.51 -12.41 17.31
N SER B 225 -19.67 -11.80 17.13
CA SER B 225 -19.74 -10.34 17.08
C SER B 225 -19.20 -9.76 18.38
N GLN B 226 -18.40 -8.70 18.28
CA GLN B 226 -17.80 -8.07 19.46
C GLN B 226 -18.43 -6.70 19.75
N ASP B 227 -18.35 -6.29 21.01
CA ASP B 227 -18.62 -4.91 21.41
C ASP B 227 -17.36 -4.07 21.16
N HIS B 228 -17.40 -3.22 20.13
CA HIS B 228 -16.22 -2.45 19.73
C HIS B 228 -16.18 -1.05 20.31
N ARG B 229 -16.92 -0.81 21.38
CA ARG B 229 -16.91 0.51 22.02
C ARG B 229 -15.51 0.86 22.57
N PHE B 230 -15.25 2.16 22.65
CA PHE B 230 -14.02 2.61 23.30
C PHE B 230 -14.29 3.99 23.87
N LYS B 231 -13.49 4.41 24.84
CA LYS B 231 -13.62 5.80 25.30
C LYS B 231 -12.31 6.53 25.06
N LEU B 232 -12.42 7.83 24.81
CA LEU B 232 -11.29 8.72 24.60
C LEU B 232 -11.07 9.54 25.85
N ILE B 233 -9.80 9.76 26.18
CA ILE B 233 -9.41 10.46 27.38
C ILE B 233 -8.37 11.48 26.99
N LEU B 234 -8.66 12.74 27.26
CA LEU B 234 -7.78 13.83 26.88
C LEU B 234 -8.05 15.01 27.80
N ASP B 235 -7.00 15.50 28.45
CA ASP B 235 -7.09 16.77 29.17
C ASP B 235 -7.65 17.87 28.25
N PRO B 236 -8.57 18.69 28.78
CA PRO B 236 -9.21 19.78 28.03
C PRO B 236 -8.29 20.94 27.62
N LYS B 237 -7.13 21.02 28.25
CA LYS B 237 -6.17 22.04 27.87
C LYS B 237 -4.74 21.55 28.09
N ILE B 238 -3.79 22.20 27.44
CA ILE B 238 -2.40 21.96 27.71
C ILE B 238 -1.76 23.29 28.14
N ASN B 239 -1.23 23.30 29.36
CA ASN B 239 -0.59 24.49 29.92
C ASN B 239 0.80 24.64 29.34
N VAL B 240 1.06 25.79 28.71
CA VAL B 240 2.33 25.99 28.04
C VAL B 240 3.01 27.25 28.54
N THR B 241 4.28 27.39 28.20
CA THR B 241 5.06 28.57 28.51
C THR B 241 5.76 28.99 27.22
N ILE B 242 5.67 30.26 26.87
CA ILE B 242 6.34 30.74 25.66
C ILE B 242 7.81 30.39 25.76
N GLY B 243 8.37 29.88 24.67
CA GLY B 243 9.77 29.49 24.65
C GLY B 243 10.08 28.16 25.31
N GLU B 244 9.06 27.38 25.62
CA GLU B 244 9.30 26.05 26.16
C GLU B 244 8.51 25.01 25.36
N PRO B 245 8.92 23.74 25.43
CA PRO B 245 8.16 22.64 24.81
C PRO B 245 7.00 22.19 25.71
N ALA B 246 6.11 21.38 25.17
CA ALA B 246 5.02 20.84 25.97
C ALA B 246 4.50 19.59 25.26
N ASN B 247 3.79 18.73 25.99
CA ASN B 247 3.16 17.58 25.34
C ASN B 247 1.88 17.24 26.06
N ILE B 248 0.99 16.54 25.37
CA ILE B 248 -0.26 16.11 25.95
C ILE B 248 -0.64 14.81 25.27
N THR B 249 -1.19 13.88 26.04
CA THR B 249 -1.51 12.55 25.51
C THR B 249 -3.01 12.32 25.45
N CYS B 250 -3.48 11.83 24.30
CA CYS B 250 -4.85 11.36 24.14
C CYS B 250 -4.87 9.81 24.20
N THR B 251 -5.74 9.24 25.02
CA THR B 251 -5.78 7.80 25.19
C THR B 251 -7.13 7.22 24.77
N ALA B 252 -7.09 6.15 23.99
CA ALA B 252 -8.29 5.39 23.64
C ALA B 252 -8.29 4.07 24.41
N VAL B 253 -9.36 3.83 25.16
CA VAL B 253 -9.48 2.62 25.94
C VAL B 253 -10.64 1.77 25.41
N SER B 254 -10.29 0.58 24.93
CA SER B 254 -11.26 -0.35 24.40
C SER B 254 -12.09 -0.92 25.56
N THR B 255 -13.40 -0.75 25.45
CA THR B 255 -14.31 -1.18 26.51
C THR B 255 -14.20 -2.67 26.76
N SER B 256 -14.11 -3.46 25.69
CA SER B 256 -13.90 -4.90 25.84
C SER B 256 -12.44 -5.31 25.80
N LEU B 257 -11.54 -4.34 25.99
CA LEU B 257 -10.09 -4.56 25.93
C LEU B 257 -9.61 -5.24 24.66
N LEU B 258 -10.27 -4.94 23.54
CA LEU B 258 -9.85 -5.45 22.25
C LEU B 258 -8.50 -4.84 21.89
N VAL B 259 -7.63 -5.64 21.28
CA VAL B 259 -6.28 -5.19 20.94
C VAL B 259 -6.28 -4.58 19.55
N ASP B 260 -5.56 -3.45 19.39
CA ASP B 260 -5.43 -2.79 18.11
C ASP B 260 -6.75 -2.48 17.44
N ASP B 261 -7.72 -2.05 18.24
CA ASP B 261 -9.08 -1.90 17.73
C ASP B 261 -9.47 -0.44 17.53
N VAL B 262 -8.57 0.49 17.81
CA VAL B 262 -8.86 1.90 17.57
C VAL B 262 -7.77 2.58 16.73
N LEU B 263 -8.22 3.28 15.69
CA LEU B 263 -7.38 4.20 14.94
C LEU B 263 -7.43 5.54 15.65
N ILE B 264 -6.26 6.09 15.91
CA ILE B 264 -6.16 7.37 16.59
C ILE B 264 -5.28 8.32 15.80
N ASP B 265 -5.66 9.59 15.75
CA ASP B 265 -4.80 10.63 15.21
C ASP B 265 -5.07 11.99 15.86
N TRP B 266 -4.07 12.87 15.77
CA TRP B 266 -4.23 14.27 16.15
C TRP B 266 -4.38 15.12 14.90
N GLU B 267 -5.23 16.14 15.00
CA GLU B 267 -5.45 17.07 13.88
C GLU B 267 -5.30 18.52 14.37
N ASN B 268 -4.73 19.37 13.52
CA ASN B 268 -4.46 20.76 13.94
C ASN B 268 -5.66 21.65 13.69
N PRO B 269 -5.57 22.94 14.09
CA PRO B 269 -6.77 23.78 13.97
C PRO B 269 -7.38 23.73 12.58
N SER B 270 -6.59 23.39 11.57
CA SER B 270 -7.05 23.42 10.18
C SER B 270 -7.53 22.06 9.62
N GLY B 271 -7.60 21.04 10.45
CA GLY B 271 -8.17 19.76 10.05
C GLY B 271 -7.18 18.71 9.57
N TRP B 272 -5.92 19.11 9.41
CA TRP B 272 -4.88 18.23 8.89
C TRP B 272 -4.26 17.32 9.95
N ILE B 273 -3.96 16.08 9.58
CA ILE B 273 -3.37 15.14 10.51
C ILE B 273 -1.91 15.47 10.80
N ILE B 274 -1.57 15.46 12.08
CA ILE B 274 -0.22 15.81 12.50
C ILE B 274 0.66 14.55 12.48
N GLY B 275 1.83 14.63 11.85
CA GLY B 275 2.76 13.52 11.80
C GLY B 275 4.04 13.86 12.55
N LEU B 276 5.19 13.39 12.03
CA LEU B 276 6.49 13.77 12.57
C LEU B 276 6.97 15.07 11.93
N ASP B 277 6.24 16.14 12.21
CA ASP B 277 6.46 17.40 11.56
C ASP B 277 7.33 18.33 12.42
N PHE B 278 7.56 19.53 11.92
CA PHE B 278 8.32 20.50 12.69
C PHE B 278 7.32 21.37 13.47
N GLY B 279 7.72 21.79 14.67
CA GLY B 279 6.85 22.63 15.49
C GLY B 279 5.87 21.85 16.34
N VAL B 280 5.05 21.02 15.70
CA VAL B 280 4.17 20.11 16.42
C VAL B 280 4.29 18.72 15.77
N TYR B 281 4.52 17.70 16.59
CA TYR B 281 4.57 16.34 16.06
C TYR B 281 3.81 15.35 16.92
N SER B 282 3.54 14.19 16.34
CA SER B 282 2.72 13.20 17.01
C SER B 282 3.41 11.83 17.05
N ILE B 283 3.30 11.13 18.17
CA ILE B 283 3.76 9.75 18.29
C ILE B 283 2.68 8.85 18.88
N LEU B 284 2.48 7.68 18.27
CA LEU B 284 1.49 6.70 18.70
C LEU B 284 2.12 5.51 19.39
N THR B 285 1.52 5.07 20.48
CA THR B 285 1.95 3.85 21.15
C THR B 285 0.72 3.01 21.45
N SER B 286 0.79 1.71 21.18
CA SER B 286 -0.38 0.85 21.39
C SER B 286 -0.03 -0.42 22.15
N SER B 287 -0.80 -0.72 23.20
CA SER B 287 -0.59 -1.95 23.95
C SER B 287 -1.87 -2.48 24.59
N GLY B 288 -2.13 -3.77 24.40
CA GLY B 288 -3.37 -4.34 24.89
C GLY B 288 -4.55 -3.52 24.37
N GLY B 289 -5.48 -3.16 25.24
CA GLY B 289 -6.63 -2.38 24.83
C GLY B 289 -6.41 -0.87 24.86
N ILE B 290 -5.18 -0.44 25.11
CA ILE B 290 -4.87 0.99 25.22
C ILE B 290 -4.11 1.48 23.99
N THR B 291 -4.59 2.57 23.41
CA THR B 291 -3.87 3.24 22.33
C THR B 291 -3.66 4.68 22.75
N GLU B 292 -2.42 5.14 22.69
CA GLU B 292 -2.09 6.52 23.04
C GLU B 292 -1.51 7.25 21.84
N ALA B 293 -1.94 8.50 21.67
CA ALA B 293 -1.31 9.41 20.75
C ALA B 293 -0.81 10.57 21.58
N THR B 294 0.50 10.84 21.55
CA THR B 294 1.03 11.97 22.29
C THR B 294 1.36 13.10 21.34
N LEU B 295 0.94 14.31 21.67
CA LEU B 295 1.20 15.48 20.83
C LEU B 295 2.32 16.31 21.45
N TYR B 296 3.30 16.68 20.64
CA TYR B 296 4.46 17.42 21.14
C TYR B 296 4.59 18.81 20.54
N PHE B 297 4.76 19.81 21.39
CA PHE B 297 5.09 21.15 20.92
C PHE B 297 6.57 21.39 21.15
N GLU B 298 7.31 21.67 20.07
CA GLU B 298 8.75 21.79 20.14
C GLU B 298 9.17 23.05 20.87
N ASN B 299 8.45 24.12 20.61
CA ASN B 299 8.79 25.41 21.17
C ASN B 299 7.58 26.32 21.04
N VAL B 300 6.86 26.50 22.13
CA VAL B 300 5.61 27.23 22.07
C VAL B 300 5.86 28.71 21.87
N THR B 301 5.20 29.29 20.89
CA THR B 301 5.27 30.72 20.65
C THR B 301 3.89 31.30 20.89
N GLU B 302 3.82 32.63 20.99
CA GLU B 302 2.59 33.32 21.35
C GLU B 302 1.43 32.98 20.41
N GLU B 303 1.75 32.77 19.15
CA GLU B 303 0.75 32.42 18.14
C GLU B 303 -0.06 31.17 18.49
N TYR B 304 0.53 30.25 19.26
CA TYR B 304 -0.11 28.98 19.58
C TYR B 304 -1.24 29.11 20.60
N ILE B 305 -1.15 30.12 21.47
CA ILE B 305 -2.08 30.24 22.59
C ILE B 305 -3.50 30.38 22.09
N GLY B 306 -4.41 29.59 22.65
CA GLY B 306 -5.79 29.60 22.21
C GLY B 306 -6.07 28.68 21.04
N ASN B 307 -5.03 28.12 20.42
CA ASN B 307 -5.22 27.08 19.38
C ASN B 307 -5.92 25.84 19.93
N THR B 308 -6.81 25.25 19.13
CA THR B 308 -7.49 24.03 19.54
C THR B 308 -7.02 22.81 18.71
N TYR B 309 -6.62 21.75 19.40
CA TYR B 309 -6.15 20.54 18.74
C TYR B 309 -7.17 19.42 18.93
N THR B 310 -7.38 18.62 17.88
CA THR B 310 -8.40 17.57 17.91
C THR B 310 -7.80 16.17 17.86
N CYS B 311 -8.14 15.38 18.88
CA CYS B 311 -7.84 13.95 18.93
C CYS B 311 -9.05 13.16 18.44
N ARG B 312 -8.84 12.34 17.42
CA ARG B 312 -9.88 11.50 16.83
C ARG B 312 -9.61 10.01 17.01
N GLY B 313 -10.62 9.31 17.53
CA GLY B 313 -10.57 7.86 17.64
C GLY B 313 -11.70 7.32 16.81
N HIS B 314 -11.41 6.33 15.95
CA HIS B 314 -12.48 5.70 15.17
C HIS B 314 -12.07 4.30 14.80
N ASN B 315 -13.06 3.45 14.52
CA ASN B 315 -12.78 2.05 14.18
C ASN B 315 -13.81 1.40 13.27
N TYR B 316 -14.53 2.25 12.53
CA TYR B 316 -15.63 1.82 11.66
C TYR B 316 -16.89 1.39 12.43
N TYR B 317 -16.75 1.07 13.71
CA TYR B 317 -17.93 0.89 14.55
C TYR B 317 -18.32 2.20 15.22
N PHE B 318 -17.33 2.99 15.65
CA PHE B 318 -17.60 4.28 16.31
C PHE B 318 -16.55 5.30 15.92
N ASP B 319 -16.89 6.58 16.03
CA ASP B 319 -16.04 7.68 15.62
C ASP B 319 -16.28 8.77 16.67
N LYS B 320 -15.24 9.14 17.40
CA LYS B 320 -15.35 10.10 18.48
C LYS B 320 -14.22 11.10 18.36
N THR B 321 -14.44 12.31 18.86
CA THR B 321 -13.37 13.30 18.95
C THR B 321 -13.38 13.97 20.32
N LEU B 322 -12.22 14.48 20.73
CA LEU B 322 -12.10 15.33 21.90
C LEU B 322 -11.10 16.39 21.51
N THR B 323 -11.26 17.60 22.02
CA THR B 323 -10.31 18.65 21.73
C THR B 323 -9.57 19.09 22.98
N THR B 324 -8.49 19.84 22.76
CA THR B 324 -7.75 20.42 23.85
C THR B 324 -7.31 21.80 23.40
N THR B 325 -7.25 22.73 24.34
CA THR B 325 -6.88 24.10 24.04
C THR B 325 -5.51 24.43 24.60
N VAL B 326 -4.66 25.04 23.78
CA VAL B 326 -3.40 25.58 24.27
C VAL B 326 -3.63 26.84 25.13
N VAL B 327 -3.27 26.79 26.41
CA VAL B 327 -3.49 27.91 27.30
C VAL B 327 -2.20 28.27 28.00
N LEU B 328 -1.97 29.57 28.16
CA LEU B 328 -0.76 30.07 28.82
C LEU B 328 -0.83 29.80 30.31
N GLU B 329 0.20 29.16 30.83
CA GLU B 329 0.19 28.76 32.22
C GLU B 329 0.48 29.96 33.13
ZN ZN C . -14.20 -8.14 4.43
CL CL D . -13.91 -6.44 5.88
C1 EDO E . -12.49 1.31 -2.28
O1 EDO E . -13.86 1.74 -2.24
C2 EDO E . -12.25 0.24 -1.22
O2 EDO E . -10.86 -0.11 -1.20
C1 EDO F . -5.26 2.60 1.23
O1 EDO F . -6.45 3.42 1.21
C2 EDO F . -5.66 1.13 1.31
O2 EDO F . -4.66 0.38 2.02
C ACT G . -13.00 -10.75 4.67
O ACT G . -13.00 -9.59 5.15
OXT ACT G . -13.67 -10.90 3.63
CH3 ACT G . -12.23 -11.87 5.30
C ACT H . 6.43 11.20 26.76
O ACT H . 6.73 10.50 27.76
OXT ACT H . 7.21 11.14 25.77
CH3 ACT H . 5.19 12.05 26.75
C1 EDO I . 4.58 0.53 19.13
O1 EDO I . 3.22 0.74 19.57
C2 EDO I . 5.46 0.01 20.27
O2 EDO I . 6.76 0.63 20.22
C1 EDO J . -12.87 -25.51 15.64
O1 EDO J . -13.95 -24.59 15.79
C2 EDO J . -11.60 -24.69 15.76
O2 EDO J . -11.91 -23.67 16.71
N1 EPE K . 5.73 5.72 26.05
C2 EPE K . 4.47 6.32 25.60
C3 EPE K . 3.97 7.33 26.63
N4 EPE K . 3.86 6.70 27.93
C5 EPE K . 5.01 5.97 28.43
C6 EPE K . 5.59 5.05 27.36
C7 EPE K . 2.57 6.55 28.57
C8 EPE K . 1.99 7.88 29.06
O8 EPE K . 1.73 8.72 27.96
C9 EPE K . 6.14 4.70 25.07
C10 EPE K . 6.88 5.30 23.89
S EPE K . 7.88 4.01 23.07
O1S EPE K . 8.86 3.45 23.99
O2S EPE K . 8.64 4.65 22.00
O3S EPE K . 6.97 2.96 22.62
N1 EPE L . -1.68 -31.58 -2.10
C2 EPE L . -0.30 -32.05 -1.81
C3 EPE L . -0.27 -32.74 -0.45
N4 EPE L . -1.59 -33.07 0.04
C5 EPE L . -2.59 -32.03 0.08
C6 EPE L . -2.29 -30.94 -0.93
C7 EPE L . -1.77 -34.26 0.86
C8 EPE L . -2.91 -35.15 0.37
O8 EPE L . -4.12 -34.40 0.33
C9 EPE L . -1.66 -30.64 -3.22
C10 EPE L . -2.57 -31.19 -4.31
S EPE L . -2.68 -30.10 -5.74
O1S EPE L . -2.98 -30.91 -6.92
O2S EPE L . -3.74 -29.10 -5.55
O3S EPE L . -1.37 -29.43 -5.91
#